data_4XRF
#
_entry.id   4XRF
#
_cell.length_a   111.172
_cell.length_b   111.172
_cell.length_c   67.368
_cell.angle_alpha   90.000
_cell.angle_beta   90.000
_cell.angle_gamma   120.000
#
_symmetry.space_group_name_H-M   'P 62 2 2'
#
loop_
_entity.id
_entity.type
_entity.pdbx_description
1 polymer 'Transcriptional regulator, MarR family'
2 non-polymer 'PHOSPHATE ION'
3 non-polymer ISOQUINOLINE
4 non-polymer 'LAURIC ACID'
5 non-polymer GLYCEROL
6 non-polymer 'NICKEL (II) ION'
7 non-polymer 'SULFATE ION'
8 water water
#
_entity_poly.entity_id   1
_entity_poly.type   'polypeptide(L)'
_entity_poly.pdbx_seq_one_letter_code
;MTHIDKIQALAFSIGKKMQTELLEQMQATGLTPPQFYILKILDHYGASRATTLAKKMYVKPSAITVMIDRLIDQELVERY
HDKDDRRVVIIELTKKGKARVEEAMTARNEHIAKYFSHLELQEREDLLRLFEKLETIICGTQ
;
_entity_poly.pdbx_strand_id   A
#
loop_
_chem_comp.id
_chem_comp.type
_chem_comp.name
_chem_comp.formula
DAO non-polymer 'LAURIC ACID' 'C12 H24 O2'
GOL non-polymer GLYCEROL 'C3 H8 O3'
ISQ non-polymer ISOQUINOLINE 'C9 H7 N'
NI non-polymer 'NICKEL (II) ION' 'Ni 2'
PO4 non-polymer 'PHOSPHATE ION' 'O4 P -3'
SO4 non-polymer 'SULFATE ION' 'O4 S -2'
#
# COMPACT_ATOMS: atom_id res chain seq x y z
N MET A 1 -2.02 -18.05 22.17
CA MET A 1 -1.22 -17.22 23.15
C MET A 1 0.31 -17.36 23.04
N THR A 2 0.81 -18.56 22.76
CA THR A 2 2.25 -18.82 22.70
C THR A 2 2.93 -17.98 21.61
N HIS A 3 4.06 -17.35 21.97
CA HIS A 3 4.89 -16.52 21.06
C HIS A 3 4.39 -15.09 20.89
N ILE A 4 3.20 -14.80 21.42
CA ILE A 4 2.56 -13.48 21.24
C ILE A 4 3.36 -12.34 21.87
N ASP A 5 3.78 -12.50 23.11
CA ASP A 5 4.51 -11.45 23.81
C ASP A 5 5.90 -11.23 23.21
N LYS A 6 6.55 -12.30 22.77
CA LYS A 6 7.83 -12.16 22.10
C LYS A 6 7.67 -11.47 20.74
N ILE A 7 6.71 -11.92 19.94
CA ILE A 7 6.39 -11.24 18.67
C ILE A 7 6.13 -9.73 18.87
N GLN A 8 5.32 -9.38 19.87
CA GLN A 8 5.02 -7.97 20.12
CA GLN A 8 5.01 -7.97 20.16
C GLN A 8 6.26 -7.20 20.55
N ALA A 9 7.15 -7.84 21.32
CA ALA A 9 8.37 -7.19 21.77
C ALA A 9 9.23 -6.82 20.56
N LEU A 10 9.39 -7.78 19.65
CA LEU A 10 10.19 -7.60 18.42
C LEU A 10 9.54 -6.61 17.45
N ALA A 11 8.22 -6.73 17.26
CA ALA A 11 7.43 -5.81 16.41
C ALA A 11 7.55 -4.37 16.89
N PHE A 12 7.48 -4.17 18.21
CA PHE A 12 7.69 -2.84 18.79
C PHE A 12 9.06 -2.27 18.43
N SER A 13 10.13 -3.05 18.62
CA SER A 13 11.48 -2.56 18.37
C SER A 13 11.77 -2.34 16.90
N ILE A 14 11.36 -3.31 16.07
CA ILE A 14 11.48 -3.18 14.62
C ILE A 14 10.66 -1.99 14.14
N GLY A 15 9.45 -1.87 14.66
CA GLY A 15 8.47 -0.86 14.23
C GLY A 15 8.88 0.56 14.55
N LYS A 16 9.54 0.73 15.69
CA LYS A 16 10.11 1.98 16.14
C LYS A 16 11.18 2.47 15.14
N LYS A 17 12.05 1.56 14.70
CA LYS A 17 13.04 1.86 13.65
C LYS A 17 12.38 2.07 12.27
N MET A 18 11.46 1.19 11.90
CA MET A 18 10.77 1.26 10.60
C MET A 18 9.94 2.55 10.43
N GLN A 19 9.38 3.06 11.52
CA GLN A 19 8.61 4.30 11.52
C GLN A 19 9.43 5.54 11.13
N THR A 20 10.64 5.63 11.66
CA THR A 20 11.58 6.68 11.28
C THR A 20 11.87 6.62 9.78
N GLU A 21 12.06 5.41 9.26
CA GLU A 21 12.42 5.24 7.86
C GLU A 21 11.21 5.54 6.95
N LEU A 22 10.01 5.26 7.44
CA LEU A 22 8.80 5.46 6.67
C LEU A 22 8.45 6.94 6.64
N LEU A 23 8.77 7.67 7.70
CA LEU A 23 8.56 9.12 7.69
C LEU A 23 9.50 9.77 6.67
N GLU A 24 10.74 9.29 6.59
CA GLU A 24 11.68 9.75 5.56
C GLU A 24 11.08 9.49 4.17
N GLN A 25 10.56 8.30 3.97
CA GLN A 25 10.01 7.93 2.68
C GLN A 25 8.80 8.80 2.30
N MET A 26 7.94 9.07 3.28
N MET A 26 7.90 9.09 3.24
CA MET A 26 6.82 9.98 3.11
CA MET A 26 6.82 10.06 2.98
C MET A 26 7.28 11.41 2.73
C MET A 26 7.40 11.39 2.57
N GLN A 27 8.40 11.87 3.33
CA GLN A 27 8.99 13.16 3.04
C GLN A 27 9.61 13.18 1.66
N ALA A 28 10.18 12.04 1.25
CA ALA A 28 10.91 11.99 -0.01
C ALA A 28 10.00 11.75 -1.23
N THR A 29 8.81 11.19 -1.00
CA THR A 29 7.95 10.75 -2.10
C THR A 29 6.56 11.39 -2.10
N GLY A 30 6.13 11.94 -0.97
CA GLY A 30 4.77 12.47 -0.79
C GLY A 30 3.67 11.41 -0.67
N LEU A 31 4.07 10.17 -0.38
CA LEU A 31 3.14 9.03 -0.28
C LEU A 31 3.37 8.20 0.97
N THR A 32 2.30 7.72 1.59
CA THR A 32 2.40 6.66 2.59
C THR A 32 2.60 5.34 1.84
N PRO A 33 3.08 4.28 2.53
CA PRO A 33 3.26 3.02 1.80
C PRO A 33 2.01 2.44 1.12
N PRO A 34 0.80 2.53 1.73
CA PRO A 34 -0.34 2.01 0.99
C PRO A 34 -0.71 2.84 -0.26
N GLN A 35 -0.54 4.16 -0.19
CA GLN A 35 -0.79 5.03 -1.35
C GLN A 35 0.17 4.68 -2.51
N PHE A 36 1.43 4.46 -2.17
CA PHE A 36 2.45 4.11 -3.15
C PHE A 36 2.08 2.78 -3.81
N TYR A 37 1.73 1.78 -3.00
CA TYR A 37 1.36 0.47 -3.54
C TYR A 37 0.12 0.55 -4.43
N ILE A 38 -0.87 1.33 -4.02
CA ILE A 38 -2.01 1.59 -4.90
C ILE A 38 -1.57 2.11 -6.28
N LEU A 39 -0.75 3.15 -6.31
CA LEU A 39 -0.24 3.69 -7.57
C LEU A 39 0.53 2.64 -8.39
N LYS A 40 1.31 1.78 -7.72
CA LYS A 40 2.00 0.69 -8.43
C LYS A 40 1.03 -0.29 -9.08
N ILE A 41 -0.05 -0.64 -8.38
CA ILE A 41 -1.09 -1.51 -8.96
C ILE A 41 -1.67 -0.90 -10.23
N LEU A 42 -2.02 0.38 -10.16
CA LEU A 42 -2.64 1.10 -11.28
C LEU A 42 -1.65 1.33 -12.42
N ASP A 43 -0.37 1.48 -12.09
CA ASP A 43 0.69 1.55 -13.10
C ASP A 43 0.84 0.21 -13.82
N HIS A 44 0.71 -0.88 -13.07
CA HIS A 44 0.93 -2.20 -13.62
C HIS A 44 -0.26 -2.63 -14.48
N TYR A 45 -1.47 -2.59 -13.92
CA TYR A 45 -2.66 -3.10 -14.58
C TYR A 45 -3.49 -2.04 -15.29
N GLY A 46 -3.08 -0.77 -15.20
CA GLY A 46 -3.90 0.32 -15.75
C GLY A 46 -5.15 0.50 -14.91
N ALA A 47 -6.14 1.21 -15.48
CA ALA A 47 -7.42 1.46 -14.82
C ALA A 47 -8.05 0.19 -14.24
N SER A 48 -8.42 0.25 -12.96
CA SER A 48 -8.98 -0.90 -12.26
C SER A 48 -10.18 -0.52 -11.39
N ARG A 49 -11.05 -1.50 -11.12
CA ARG A 49 -12.14 -1.32 -10.16
C ARG A 49 -11.63 -1.05 -8.76
N ALA A 50 -12.35 -0.19 -8.04
CA ALA A 50 -12.03 0.15 -6.65
C ALA A 50 -12.16 -1.12 -5.79
N THR A 51 -13.14 -1.97 -6.09
CA THR A 51 -13.28 -3.23 -5.35
C THR A 51 -12.07 -4.18 -5.55
N THR A 52 -11.47 -4.19 -6.74
CA THR A 52 -10.25 -4.97 -6.99
C THR A 52 -9.03 -4.41 -6.19
N LEU A 53 -8.90 -3.09 -6.12
CA LEU A 53 -7.89 -2.47 -5.30
C LEU A 53 -8.03 -2.91 -3.84
N ALA A 54 -9.26 -2.83 -3.31
CA ALA A 54 -9.56 -3.32 -1.96
C ALA A 54 -9.12 -4.78 -1.75
N LYS A 55 -9.50 -5.66 -2.68
CA LYS A 55 -9.07 -7.06 -2.63
C LYS A 55 -7.54 -7.20 -2.63
N LYS A 56 -6.88 -6.48 -3.53
CA LYS A 56 -5.42 -6.55 -3.58
C LYS A 56 -4.72 -6.04 -2.31
N MET A 57 -5.39 -5.13 -1.58
CA MET A 57 -4.83 -4.54 -0.32
C MET A 57 -5.34 -5.28 0.94
N TYR A 58 -6.27 -6.21 0.73
CA TYR A 58 -6.84 -7.01 1.82
C TYR A 58 -7.67 -6.18 2.82
N VAL A 59 -8.22 -5.08 2.32
CA VAL A 59 -9.06 -4.17 3.12
C VAL A 59 -10.50 -4.11 2.60
N LYS A 60 -11.41 -3.54 3.40
CA LYS A 60 -12.80 -3.29 3.00
C LYS A 60 -12.87 -2.22 1.89
N PRO A 61 -13.89 -2.29 1.00
CA PRO A 61 -14.16 -1.20 0.06
C PRO A 61 -14.13 0.20 0.69
N SER A 62 -14.79 0.36 1.84
CA SER A 62 -14.85 1.63 2.58
C SER A 62 -13.47 2.19 2.96
N ALA A 63 -12.51 1.29 3.19
CA ALA A 63 -11.16 1.69 3.52
C ALA A 63 -10.45 2.21 2.27
N ILE A 64 -10.69 1.58 1.14
CA ILE A 64 -10.05 2.01 -0.11
C ILE A 64 -10.61 3.36 -0.55
N THR A 65 -11.90 3.60 -0.25
CA THR A 65 -12.57 4.86 -0.57
C THR A 65 -11.83 6.05 0.03
N VAL A 66 -11.49 5.97 1.31
CA VAL A 66 -10.72 7.04 1.98
C VAL A 66 -9.35 7.24 1.32
N MET A 67 -8.66 6.14 1.04
CA MET A 67 -7.33 6.19 0.41
C MET A 67 -7.41 6.91 -0.93
N ILE A 68 -8.36 6.48 -1.73
CA ILE A 68 -8.58 7.08 -3.04
C ILE A 68 -8.98 8.56 -2.96
N ASP A 69 -9.86 8.93 -2.03
CA ASP A 69 -10.14 10.35 -1.77
C ASP A 69 -8.85 11.16 -1.55
N ARG A 70 -7.89 10.60 -0.82
CA ARG A 70 -6.62 11.32 -0.55
C ARG A 70 -5.75 11.43 -1.81
N LEU A 71 -5.73 10.38 -2.63
CA LEU A 71 -4.98 10.36 -3.88
C LEU A 71 -5.59 11.32 -4.92
N ILE A 72 -6.91 11.50 -4.84
CA ILE A 72 -7.65 12.52 -5.62
C ILE A 72 -7.25 13.94 -5.18
N ASP A 73 -7.24 14.22 -3.88
CA ASP A 73 -6.68 15.50 -3.36
C ASP A 73 -5.28 15.82 -3.92
N GLN A 74 -4.39 14.82 -3.97
CA GLN A 74 -3.05 15.01 -4.56
C GLN A 74 -3.09 14.98 -6.08
N GLU A 75 -4.24 14.66 -6.65
CA GLU A 75 -4.47 14.68 -8.12
C GLU A 75 -3.70 13.55 -8.81
N LEU A 76 -3.50 12.45 -8.12
CA LEU A 76 -2.66 11.38 -8.64
C LEU A 76 -3.47 10.29 -9.36
N VAL A 77 -4.74 10.19 -9.02
CA VAL A 77 -5.66 9.27 -9.69
C VAL A 77 -6.95 10.00 -10.04
N GLU A 78 -7.73 9.44 -10.95
CA GLU A 78 -9.08 9.89 -11.20
CA GLU A 78 -9.09 9.88 -11.21
C GLU A 78 -10.07 8.74 -10.93
N ARG A 79 -11.20 9.08 -10.32
CA ARG A 79 -12.27 8.13 -10.06
C ARG A 79 -13.42 8.51 -10.99
N TYR A 80 -14.04 7.50 -11.57
CA TYR A 80 -15.24 7.71 -12.34
C TYR A 80 -16.12 6.47 -12.29
N HIS A 81 -17.37 6.65 -12.67
CA HIS A 81 -18.35 5.59 -12.72
C HIS A 81 -18.52 5.22 -14.17
N ASP A 82 -18.63 3.92 -14.45
CA ASP A 82 -18.94 3.49 -15.79
C ASP A 82 -20.17 4.28 -16.24
N LYS A 83 -20.14 4.72 -17.50
CA LYS A 83 -21.21 5.55 -18.08
C LYS A 83 -22.62 4.97 -17.96
N ASP A 84 -22.76 3.66 -18.18
CA ASP A 84 -24.11 3.04 -18.08
C ASP A 84 -24.36 2.27 -16.79
N ASP A 85 -23.32 1.67 -16.22
CA ASP A 85 -23.45 0.98 -14.93
C ASP A 85 -22.75 1.81 -13.85
N ARG A 86 -23.51 2.73 -13.23
CA ARG A 86 -22.97 3.66 -12.25
C ARG A 86 -22.58 2.98 -10.94
N ARG A 87 -22.92 1.70 -10.78
CA ARG A 87 -22.37 0.90 -9.67
C ARG A 87 -20.89 0.56 -9.82
N VAL A 88 -20.38 0.58 -11.06
CA VAL A 88 -18.98 0.21 -11.29
C VAL A 88 -18.11 1.45 -11.17
N VAL A 89 -17.27 1.47 -10.13
CA VAL A 89 -16.36 2.59 -9.83
C VAL A 89 -14.95 2.21 -10.31
N ILE A 90 -14.43 2.99 -11.25
CA ILE A 90 -13.11 2.77 -11.82
C ILE A 90 -12.10 3.82 -11.34
N ILE A 91 -10.92 3.35 -10.95
CA ILE A 91 -9.81 4.21 -10.55
C ILE A 91 -8.69 4.12 -11.59
N GLU A 92 -8.13 5.29 -11.91
CA GLU A 92 -7.16 5.40 -12.98
C GLU A 92 -6.05 6.38 -12.59
N LEU A 93 -4.82 6.03 -12.91
CA LEU A 93 -3.65 6.90 -12.70
C LEU A 93 -3.77 8.14 -13.60
N THR A 94 -3.49 9.32 -13.06
CA THR A 94 -3.37 10.50 -13.94
C THR A 94 -1.94 10.59 -14.46
N LYS A 95 -1.70 11.51 -15.40
CA LYS A 95 -0.33 11.82 -15.84
C LYS A 95 0.58 12.16 -14.63
N LYS A 96 0.10 13.02 -13.72
CA LYS A 96 0.81 13.32 -12.44
C LYS A 96 1.09 12.06 -11.62
N GLY A 97 0.09 11.19 -11.47
CA GLY A 97 0.26 9.96 -10.70
C GLY A 97 1.33 9.05 -11.27
N LYS A 98 1.40 8.95 -12.60
CA LYS A 98 2.42 8.14 -13.27
C LYS A 98 3.82 8.67 -13.03
N ALA A 99 3.99 9.99 -13.14
CA ALA A 99 5.27 10.61 -12.82
C ALA A 99 5.62 10.42 -11.33
N ARG A 100 4.63 10.56 -10.44
CA ARG A 100 4.90 10.38 -9.02
C ARG A 100 5.37 8.96 -8.67
N VAL A 101 4.74 7.94 -9.24
CA VAL A 101 5.12 6.56 -8.91
C VAL A 101 6.56 6.23 -9.37
N GLU A 102 6.94 6.71 -10.55
CA GLU A 102 8.31 6.55 -11.06
C GLU A 102 9.34 7.28 -10.19
N GLU A 103 9.04 8.53 -9.85
CA GLU A 103 9.86 9.30 -8.93
C GLU A 103 9.98 8.60 -7.56
N ALA A 104 8.85 8.14 -7.01
CA ALA A 104 8.85 7.40 -5.75
C ALA A 104 9.72 6.12 -5.77
N MET A 105 9.68 5.43 -6.90
CA MET A 105 10.56 4.30 -7.17
C MET A 105 12.03 4.63 -6.84
N THR A 106 12.51 5.72 -7.42
CA THR A 106 13.91 6.11 -7.32
C THR A 106 14.25 6.69 -5.93
N ALA A 107 13.26 7.32 -5.29
CA ALA A 107 13.50 7.97 -4.01
C ALA A 107 13.12 7.12 -2.78
N ARG A 108 13.02 5.80 -2.99
CA ARG A 108 12.67 4.87 -1.90
C ARG A 108 13.74 4.87 -0.80
N ASN A 109 13.30 4.67 0.45
CA ASN A 109 14.23 4.62 1.57
C ASN A 109 15.20 3.44 1.44
N GLU A 110 16.49 3.75 1.45
CA GLU A 110 17.55 2.76 1.19
C GLU A 110 17.87 1.85 2.37
N HIS A 111 17.60 2.33 3.59
CA HIS A 111 17.77 1.50 4.78
C HIS A 111 16.78 0.31 4.76
N ILE A 112 15.53 0.57 4.37
CA ILE A 112 14.50 -0.49 4.27
C ILE A 112 14.89 -1.51 3.21
N ALA A 113 15.40 -1.04 2.08
CA ALA A 113 15.83 -1.91 1.00
C ALA A 113 16.99 -2.79 1.46
N LYS A 114 17.94 -2.19 2.19
CA LYS A 114 19.06 -2.90 2.77
C LYS A 114 18.63 -4.05 3.70
N TYR A 115 17.69 -3.78 4.61
CA TYR A 115 17.21 -4.79 5.55
C TYR A 115 16.58 -5.97 4.81
N PHE A 116 15.69 -5.66 3.88
CA PHE A 116 14.96 -6.72 3.18
C PHE A 116 15.77 -7.50 2.16
N SER A 117 16.91 -6.95 1.73
CA SER A 117 17.80 -7.65 0.82
C SER A 117 18.53 -8.77 1.57
N HIS A 118 18.44 -8.74 2.91
CA HIS A 118 19.04 -9.77 3.75
C HIS A 118 18.05 -10.91 4.02
N LEU A 119 16.82 -10.75 3.56
CA LEU A 119 15.84 -11.84 3.56
C LEU A 119 15.80 -12.46 2.18
N GLU A 120 15.89 -13.79 2.14
CA GLU A 120 15.60 -14.57 0.93
C GLU A 120 14.26 -14.16 0.33
N LEU A 121 14.15 -14.28 -1.00
CA LEU A 121 12.88 -14.09 -1.71
C LEU A 121 11.76 -14.92 -1.09
N GLN A 122 12.05 -16.19 -0.79
CA GLN A 122 11.11 -17.08 -0.12
C GLN A 122 10.69 -16.60 1.30
N GLU A 123 11.61 -15.98 2.03
CA GLU A 123 11.29 -15.41 3.34
C GLU A 123 10.41 -14.17 3.23
N ARG A 124 10.63 -13.34 2.21
CA ARG A 124 9.78 -12.20 1.91
C ARG A 124 8.36 -12.64 1.54
N GLU A 125 8.25 -13.72 0.76
CA GLU A 125 6.94 -14.31 0.41
C GLU A 125 6.20 -14.77 1.66
N ASP A 126 6.91 -15.46 2.58
CA ASP A 126 6.34 -15.91 3.87
C ASP A 126 5.79 -14.74 4.71
N LEU A 127 6.60 -13.69 4.85
CA LEU A 127 6.21 -12.52 5.62
C LEU A 127 4.99 -11.86 4.98
N LEU A 128 5.04 -11.71 3.66
CA LEU A 128 3.94 -11.09 2.93
C LEU A 128 2.63 -11.86 3.15
N ARG A 129 2.67 -13.19 3.08
CA ARG A 129 1.43 -13.98 3.26
C ARG A 129 0.93 -13.91 4.71
N LEU A 130 1.86 -13.90 5.67
CA LEU A 130 1.49 -13.70 7.08
C LEU A 130 0.85 -12.32 7.34
N PHE A 131 1.39 -11.29 6.70
CA PHE A 131 0.84 -9.94 6.80
C PHE A 131 -0.54 -9.83 6.13
N GLU A 132 -0.68 -10.49 4.98
CA GLU A 132 -1.96 -10.50 4.28
C GLU A 132 -3.01 -11.22 5.15
N LYS A 133 -2.59 -12.30 5.81
CA LYS A 133 -3.50 -13.00 6.70
C LYS A 133 -3.87 -12.11 7.89
N LEU A 134 -2.87 -11.49 8.52
CA LEU A 134 -3.12 -10.57 9.63
C LEU A 134 -4.05 -9.42 9.24
N GLU A 135 -3.79 -8.81 8.08
CA GLU A 135 -4.68 -7.77 7.58
C GLU A 135 -6.12 -8.26 7.41
N THR A 136 -6.29 -9.46 6.87
CA THR A 136 -7.60 -10.08 6.68
C THR A 136 -8.32 -10.28 8.02
N ILE A 137 -7.56 -10.71 9.02
CA ILE A 137 -8.10 -10.96 10.36
C ILE A 137 -8.57 -9.64 10.96
N ILE A 138 -7.74 -8.62 10.82
CA ILE A 138 -8.03 -7.29 11.37
C ILE A 138 -9.19 -6.58 10.65
N CYS A 139 -9.24 -6.67 9.32
CA CYS A 139 -10.23 -5.90 8.55
C CYS A 139 -11.55 -6.61 8.30
N GLY A 140 -11.60 -7.91 8.60
CA GLY A 140 -12.80 -8.72 8.37
C GLY A 140 -13.05 -9.04 6.91
N THR A 141 -11.97 -9.06 6.12
CA THR A 141 -12.04 -9.35 4.68
C THR A 141 -11.92 -10.86 4.39
N GLN A 142 -11.84 -11.21 3.11
CA GLN A 142 -11.98 -12.61 2.67
C GLN A 142 -10.72 -13.44 2.94
P PO4 B . -23.08 -4.92 -11.21
O1 PO4 B . -24.11 -4.54 -10.18
O2 PO4 B . -23.62 -5.62 -12.43
O3 PO4 B . -22.04 -5.86 -10.68
O4 PO4 B . -22.47 -3.62 -11.62
P PO4 C . 6.37 -5.29 -4.77
O1 PO4 C . 5.31 -4.75 -5.70
O2 PO4 C . 5.75 -5.61 -3.43
O3 PO4 C . 6.98 -6.53 -5.40
O4 PO4 C . 7.42 -4.22 -4.58
P PO4 D . -16.36 -9.31 -8.09
O1 PO4 D . -17.20 -9.55 -9.27
O2 PO4 D . -16.93 -10.04 -6.86
O3 PO4 D . -14.95 -9.73 -8.33
O4 PO4 D . -16.38 -7.78 -7.74
C1 ISQ E . 2.83 -5.43 15.29
N2 ISQ E . 2.62 -6.56 16.00
C3 ISQ E . 2.53 -7.78 15.41
C4 ISQ E . 2.64 -7.94 14.03
C4A ISQ E . 2.85 -6.81 13.23
C5 ISQ E . 2.97 -6.89 11.86
C6 ISQ E . 3.18 -5.72 11.12
C7 ISQ E . 3.27 -4.47 11.74
C8 ISQ E . 3.16 -4.35 13.13
C8A ISQ E . 2.95 -5.49 13.90
O1 DAO F . 11.87 6.43 17.71
O2 DAO F . 12.30 6.88 19.81
C1 DAO F . 11.59 7.00 18.78
C2 DAO F . 10.34 7.86 18.87
C3 DAO F . 9.23 7.40 17.93
C4 DAO F . 8.06 6.76 18.68
C5 DAO F . 8.10 5.25 18.58
C6 DAO F . 6.73 4.62 18.81
C7 DAO F . 6.79 3.10 18.62
C8 DAO F . 5.62 2.56 17.80
C9 DAO F . 5.87 1.12 17.38
C10 DAO F . 4.92 0.65 16.27
C11 DAO F . 4.61 -0.84 16.41
C12 DAO F . 4.36 -1.48 15.07
C1 GOL G . 3.85 -3.83 -8.15
O1 GOL G . 4.83 -4.87 -8.11
C2 GOL G . 2.71 -4.18 -9.09
O2 GOL G . 3.03 -5.36 -9.85
C3 GOL G . 1.45 -4.44 -8.29
O3 GOL G . 0.43 -4.84 -9.20
C1 GOL H . -17.36 12.22 -6.11
O1 GOL H . -17.22 11.29 -5.02
C2 GOL H . -16.26 11.96 -7.14
O2 GOL H . -16.26 10.57 -7.50
C3 GOL H . -14.90 12.36 -6.56
O3 GOL H . -14.03 12.77 -7.62
P PO4 I . 3.35 16.36 -8.05
O1 PO4 I . 2.10 16.05 -7.26
O2 PO4 I . 4.00 15.11 -8.51
O3 PO4 I . 4.32 17.14 -7.12
O4 PO4 I . 3.00 17.30 -9.20
NI NI J . -18.37 10.13 -13.04
S SO4 K . -0.81 -7.31 -7.02
O1 SO4 K . -1.82 -8.39 -6.85
O2 SO4 K . -1.32 -6.35 -8.03
O3 SO4 K . 0.47 -7.86 -7.52
O4 SO4 K . -0.65 -6.65 -5.69
#